data_7S7K
#
_entry.id   7S7K
#
_cell.length_a   73.843
_cell.length_b   111.142
_cell.length_c   156.877
_cell.angle_alpha   90.000
_cell.angle_beta   90.000
_cell.angle_gamma   90.000
#
_symmetry.space_group_name_H-M   'P 21 21 21'
#
loop_
_entity.id
_entity.type
_entity.pdbx_description
1 polymer 'Ephrin type-B receptor 2'
2 branched 2-acetamido-2-deoxy-beta-D-glucopyranose-(1-4)-2-acetamido-2-deoxy-beta-D-glucopyranose
3 branched beta-D-mannopyranose-(1-4)-2-acetamido-2-deoxy-beta-D-glucopyranose-(1-4)-2-acetamido-2-deoxy-beta-D-glucopyranose
4 non-polymer 2-acetamido-2-deoxy-beta-D-glucopyranose
#
_entity_poly.entity_id   1
_entity_poly.type   'polypeptide(L)'
_entity_poly.pdbx_seq_one_letter_code
;VEETLMDSTTATAELGWMVHPPSGWEEVSGYDENMNTIRTYQVCNVFESSQNNWLRTKFIRRRGAHRIHVEMKFSVRDCS
SIPSVPGSCKETFNLYYYEADFDLATKTFPNWMENPWVKVDTIAADESFSQVDLGGRVMKINTEVRSFGPVSRNGFYLAF
QDYGGCMSLIAVRVFYRKCPRIIQNGAIFQETLSGAESTSLVAARGSCIANAEEVDVPIKLYCNGDGEWLVPIGRCMCKA
GFEAVENGTVCRGCPSGTFKANQGDEACTHCPINSRTTSEGATNCVCRNGYYRADLDPLDMPCTTIPSAPQAVISSVNET
SLMLEWTPPRDSGGREDLVYNIICKSCGSGRGACTRCGDNVQYAPRQLGLTEPRIYISDLLAHTQYTFEIQAVNGVTDQS
PFSPQFASVNITTNQAAPSAVSIMHQVSRTVDSITLSWSQPDQPNGVILDYELQYYEKELSEYNATAIKSPTNTVTVQGL
KAGAIYVFQVRARTVAGYGRYSGKMYFQTMTEAEYQTSIKEKLPL
;
_entity_poly.pdbx_strand_id   A
#
loop_
_chem_comp.id
_chem_comp.type
_chem_comp.name
_chem_comp.formula
BMA D-saccharide, beta linking beta-D-mannopyranose 'C6 H12 O6'
NAG D-saccharide, beta linking 2-acetamido-2-deoxy-beta-D-glucopyranose 'C8 H15 N O6'
#
# COMPACT_ATOMS: atom_id res chain seq x y z
N VAL A 1 22.42 23.13 -12.54
CA VAL A 1 23.61 23.24 -11.72
C VAL A 1 24.74 23.84 -12.55
N GLU A 2 25.37 24.89 -12.03
CA GLU A 2 26.41 25.62 -12.76
C GLU A 2 27.77 25.39 -12.11
N GLU A 3 28.77 25.16 -12.96
CA GLU A 3 30.15 24.92 -12.54
C GLU A 3 31.00 26.03 -13.15
N THR A 4 31.74 26.74 -12.30
CA THR A 4 32.45 27.95 -12.70
C THR A 4 33.85 27.59 -13.20
N LEU A 5 34.15 27.96 -14.44
CA LEU A 5 35.46 27.78 -15.04
C LEU A 5 36.38 28.97 -14.82
N MET A 6 35.82 30.14 -14.53
CA MET A 6 36.61 31.33 -14.22
C MET A 6 35.69 32.37 -13.60
N ASP A 7 36.19 33.06 -12.58
CA ASP A 7 35.47 34.18 -11.96
C ASP A 7 36.46 35.30 -11.72
N SER A 8 36.19 36.47 -12.31
CA SER A 8 37.11 37.59 -12.20
C SER A 8 37.14 38.21 -10.81
N THR A 9 36.07 38.07 -10.03
CA THR A 9 35.99 38.72 -8.73
C THR A 9 36.72 37.95 -7.64
N THR A 10 37.17 36.74 -7.92
CA THR A 10 38.06 36.03 -6.99
C THR A 10 39.49 36.53 -7.07
N ALA A 11 39.76 37.52 -7.91
CA ALA A 11 41.10 38.07 -8.05
C ALA A 11 41.61 38.60 -6.72
N THR A 12 42.63 37.93 -6.17
CA THR A 12 43.18 38.36 -4.88
C THR A 12 43.79 39.75 -4.97
N ALA A 13 44.81 39.92 -5.81
CA ALA A 13 45.53 41.18 -5.93
C ALA A 13 45.31 41.85 -7.28
N GLU A 14 45.44 41.12 -8.39
CA GLU A 14 45.35 41.75 -9.71
C GLU A 14 45.11 40.68 -10.76
N LEU A 15 44.11 40.91 -11.61
CA LEU A 15 43.92 40.09 -12.80
C LEU A 15 45.04 40.35 -13.80
N GLY A 16 45.46 39.29 -14.50
CA GLY A 16 46.60 39.40 -15.39
C GLY A 16 46.24 39.54 -16.86
N TRP A 17 45.12 40.19 -17.15
CA TRP A 17 44.59 40.20 -18.51
C TRP A 17 45.38 41.14 -19.41
N MET A 18 45.65 40.68 -20.62
CA MET A 18 46.50 41.42 -21.55
C MET A 18 45.71 42.52 -22.25
N VAL A 19 46.29 43.71 -22.30
CA VAL A 19 45.64 44.89 -22.87
C VAL A 19 46.38 45.29 -24.14
N HIS A 20 45.65 45.40 -25.25
CA HIS A 20 46.26 45.78 -26.52
C HIS A 20 45.34 46.69 -27.33
N PRO A 21 45.69 47.97 -27.52
CA PRO A 21 46.88 48.65 -27.00
C PRO A 21 46.74 49.01 -25.53
N PRO A 22 47.86 49.21 -24.84
CA PRO A 22 47.78 49.69 -23.45
C PRO A 22 47.15 51.06 -23.31
N SER A 23 47.02 51.80 -24.42
CA SER A 23 46.39 53.12 -24.38
C SER A 23 44.93 53.05 -23.94
N GLY A 24 44.30 51.88 -24.10
CA GLY A 24 42.86 51.76 -23.99
C GLY A 24 42.44 51.23 -22.64
N TRP A 25 42.12 49.94 -22.57
CA TRP A 25 41.72 49.32 -21.31
C TRP A 25 42.77 49.55 -20.23
N GLU A 26 42.33 49.95 -19.04
CA GLU A 26 43.20 49.99 -17.88
C GLU A 26 42.51 49.28 -16.72
N GLU A 27 43.30 48.57 -15.92
CA GLU A 27 42.80 47.88 -14.74
C GLU A 27 42.72 48.86 -13.57
N VAL A 28 41.60 48.82 -12.87
CA VAL A 28 41.32 49.79 -11.80
C VAL A 28 40.53 49.08 -10.71
N SER A 29 40.80 49.44 -9.46
CA SER A 29 40.00 48.92 -8.36
C SER A 29 38.58 49.46 -8.43
N GLY A 30 37.60 48.58 -8.25
CA GLY A 30 36.22 48.99 -8.23
C GLY A 30 35.41 48.23 -7.20
N TYR A 31 34.11 48.45 -7.19
CA TYR A 31 33.20 47.76 -6.29
C TYR A 31 32.31 46.82 -7.09
N ASP A 32 31.76 45.81 -6.43
CA ASP A 32 30.73 44.99 -7.03
C ASP A 32 29.35 45.51 -6.61
N GLU A 33 28.29 44.77 -6.96
CA GLU A 33 26.95 45.23 -6.65
C GLU A 33 26.71 45.31 -5.15
N ASN A 34 27.43 44.50 -4.36
CA ASN A 34 27.33 44.49 -2.91
C ASN A 34 28.41 45.34 -2.25
N MET A 35 29.07 46.22 -3.00
CA MET A 35 30.10 47.15 -2.53
C MET A 35 31.37 46.44 -2.10
N ASN A 36 31.45 45.11 -2.20
CA ASN A 36 32.71 44.42 -1.97
C ASN A 36 33.73 44.86 -3.03
N THR A 37 34.99 44.95 -2.62
CA THR A 37 36.03 45.58 -3.42
C THR A 37 36.71 44.54 -4.31
N ILE A 38 36.69 44.78 -5.62
CA ILE A 38 37.14 43.84 -6.63
C ILE A 38 37.97 44.59 -7.67
N ARG A 39 38.50 43.83 -8.63
CA ARG A 39 39.28 44.37 -9.74
C ARG A 39 38.38 44.53 -10.95
N THR A 40 38.55 45.63 -11.70
CA THR A 40 37.71 45.94 -12.84
C THR A 40 38.59 46.47 -13.97
N TYR A 41 38.01 46.56 -15.16
CA TYR A 41 38.70 47.17 -16.30
C TYR A 41 37.84 48.29 -16.86
N GLN A 42 38.48 49.30 -17.45
CA GLN A 42 37.72 50.43 -17.96
C GLN A 42 38.39 51.03 -19.19
N VAL A 43 37.60 51.70 -20.01
CA VAL A 43 38.14 52.37 -21.21
C VAL A 43 37.25 53.54 -21.57
N CYS A 44 37.85 54.72 -21.76
CA CYS A 44 37.12 55.93 -22.08
C CYS A 44 37.85 56.81 -23.10
N ASN A 45 38.37 56.22 -24.17
CA ASN A 45 39.00 57.01 -25.22
C ASN A 45 37.97 57.42 -26.29
N VAL A 46 36.97 58.19 -25.84
CA VAL A 46 35.82 58.50 -26.69
C VAL A 46 36.20 59.50 -27.77
N PHE A 47 36.89 60.59 -27.40
CA PHE A 47 37.22 61.64 -28.36
C PHE A 47 38.26 61.18 -29.37
N GLU A 48 39.22 60.35 -28.93
CA GLU A 48 40.24 59.85 -29.84
C GLU A 48 39.60 59.03 -30.94
N SER A 49 40.15 59.12 -32.15
CA SER A 49 39.56 58.50 -33.33
C SER A 49 40.16 57.12 -33.59
N SER A 50 39.35 56.27 -34.22
CA SER A 50 39.77 54.96 -34.70
C SER A 50 40.41 54.12 -33.59
N GLN A 51 39.59 53.79 -32.58
CA GLN A 51 40.04 53.02 -31.44
C GLN A 51 39.61 51.57 -31.57
N ASN A 52 40.56 50.66 -31.42
CA ASN A 52 40.33 49.22 -31.42
C ASN A 52 41.08 48.67 -30.20
N ASN A 53 40.44 48.68 -29.04
CA ASN A 53 41.11 48.34 -27.79
C ASN A 53 40.61 46.99 -27.29
N TRP A 54 41.55 46.06 -27.07
CA TRP A 54 41.27 44.68 -26.76
C TRP A 54 41.76 44.33 -25.36
N LEU A 55 41.03 43.43 -24.71
CA LEU A 55 41.34 42.92 -23.39
C LEU A 55 41.18 41.40 -23.40
N ARG A 56 42.26 40.68 -23.10
CA ARG A 56 42.26 39.23 -23.20
C ARG A 56 42.39 38.62 -21.81
N THR A 57 41.48 37.70 -21.49
CA THR A 57 41.51 36.98 -20.23
C THR A 57 42.70 36.02 -20.19
N LYS A 58 42.99 35.50 -19.00
CA LYS A 58 43.93 34.41 -18.91
C LYS A 58 43.37 33.15 -19.57
N PHE A 59 44.23 32.16 -19.73
CA PHE A 59 43.79 30.86 -20.22
C PHE A 59 42.76 30.27 -19.27
N ILE A 60 41.71 29.68 -19.84
CA ILE A 60 40.59 29.12 -19.07
C ILE A 60 40.45 27.65 -19.43
N ARG A 61 40.57 26.79 -18.43
CA ARG A 61 40.40 25.35 -18.66
C ARG A 61 38.95 25.04 -18.99
N ARG A 62 38.74 24.25 -20.06
CA ARG A 62 37.40 23.85 -20.44
C ARG A 62 36.80 22.86 -19.44
N ARG A 63 37.62 21.93 -18.96
CA ARG A 63 37.21 20.94 -17.96
C ARG A 63 36.05 20.08 -18.46
N GLY A 64 36.11 19.71 -19.74
CA GLY A 64 35.14 18.79 -20.32
C GLY A 64 33.82 19.41 -20.74
N ALA A 65 33.66 20.73 -20.59
CA ALA A 65 32.40 21.37 -20.92
C ALA A 65 32.13 21.33 -22.42
N HIS A 66 30.87 21.56 -22.79
CA HIS A 66 30.45 21.55 -24.19
C HIS A 66 29.92 22.89 -24.67
N ARG A 67 29.07 23.56 -23.89
CA ARG A 67 28.68 24.94 -24.17
C ARG A 67 29.15 25.82 -23.02
N ILE A 68 29.81 26.92 -23.36
CA ILE A 68 30.39 27.84 -22.41
C ILE A 68 29.48 29.05 -22.25
N HIS A 69 29.24 29.46 -21.02
CA HIS A 69 28.45 30.64 -20.70
C HIS A 69 29.35 31.73 -20.13
N VAL A 70 29.18 32.95 -20.62
CA VAL A 70 29.92 34.11 -20.16
C VAL A 70 28.91 35.13 -19.64
N GLU A 71 28.98 35.42 -18.34
CA GLU A 71 28.16 36.44 -17.71
C GLU A 71 29.01 37.67 -17.45
N MET A 72 28.50 38.82 -17.86
CA MET A 72 29.26 40.07 -17.88
C MET A 72 28.49 41.13 -17.13
N LYS A 73 29.13 41.73 -16.13
CA LYS A 73 28.58 42.88 -15.42
C LYS A 73 29.37 44.11 -15.84
N PHE A 74 28.67 45.21 -16.08
CA PHE A 74 29.35 46.38 -16.62
C PHE A 74 28.44 47.59 -16.54
N SER A 75 29.05 48.76 -16.71
CA SER A 75 28.31 50.00 -16.82
C SER A 75 28.85 50.83 -17.97
N VAL A 76 27.95 51.51 -18.68
CA VAL A 76 28.31 52.34 -19.82
C VAL A 76 27.84 53.77 -19.54
N ARG A 77 28.67 54.73 -19.91
CA ARG A 77 28.26 56.13 -19.90
C ARG A 77 27.59 56.44 -21.24
N ASP A 78 26.37 56.98 -21.17
CA ASP A 78 25.64 57.29 -22.38
C ASP A 78 26.30 58.45 -23.11
N CYS A 79 26.47 58.31 -24.42
CA CYS A 79 27.14 59.35 -25.21
C CYS A 79 26.43 60.69 -25.08
N SER A 80 25.12 60.67 -24.80
CA SER A 80 24.41 61.91 -24.50
C SER A 80 25.04 62.63 -23.33
N SER A 81 25.44 61.88 -22.29
CA SER A 81 25.98 62.48 -21.08
C SER A 81 27.33 63.14 -21.34
N ILE A 82 28.14 62.59 -22.25
CA ILE A 82 29.46 63.14 -22.53
C ILE A 82 29.30 64.42 -23.34
N PRO A 83 29.75 65.57 -22.84
CA PRO A 83 29.62 66.81 -23.61
C PRO A 83 30.54 66.83 -24.81
N SER A 84 29.99 67.31 -25.94
CA SER A 84 30.75 67.55 -27.16
C SER A 84 31.46 66.29 -27.64
N VAL A 85 30.81 65.15 -27.48
CA VAL A 85 31.39 63.87 -27.89
C VAL A 85 31.25 63.72 -29.40
N PRO A 86 32.20 63.11 -30.09
CA PRO A 86 32.02 62.82 -31.52
C PRO A 86 31.03 61.68 -31.73
N GLY A 87 30.60 61.55 -32.98
CA GLY A 87 29.77 60.41 -33.37
C GLY A 87 30.48 59.08 -33.31
N SER A 88 31.80 59.08 -33.12
CA SER A 88 32.53 57.84 -32.90
C SER A 88 32.09 57.14 -31.62
N CYS A 89 31.45 57.85 -30.70
CA CYS A 89 31.06 57.27 -29.42
C CYS A 89 30.14 56.08 -29.61
N LYS A 90 30.38 55.04 -28.83
CA LYS A 90 29.61 53.81 -28.89
C LYS A 90 29.27 53.37 -27.47
N GLU A 91 28.16 52.66 -27.33
CA GLU A 91 27.72 52.14 -26.04
C GLU A 91 27.66 50.62 -26.04
N THR A 92 28.51 49.99 -26.86
CA THR A 92 28.55 48.54 -27.01
C THR A 92 29.99 48.07 -26.96
N PHE A 93 30.17 46.79 -26.64
CA PHE A 93 31.48 46.16 -26.75
C PHE A 93 31.28 44.77 -27.33
N ASN A 94 32.36 44.14 -27.77
CA ASN A 94 32.24 42.86 -28.47
C ASN A 94 32.97 41.75 -27.72
N LEU A 95 32.37 40.56 -27.72
CA LEU A 95 32.92 39.41 -26.99
C LEU A 95 33.41 38.37 -27.99
N TYR A 96 34.63 37.88 -27.78
CA TYR A 96 35.29 36.94 -28.68
C TYR A 96 35.86 35.80 -27.85
N TYR A 97 36.07 34.65 -28.51
CA TYR A 97 36.74 33.52 -27.86
C TYR A 97 37.70 32.86 -28.83
N TYR A 98 38.78 32.31 -28.27
CA TYR A 98 39.80 31.58 -29.02
C TYR A 98 40.11 30.27 -28.32
N GLU A 99 39.99 29.16 -29.05
CA GLU A 99 40.20 27.83 -28.49
C GLU A 99 41.66 27.39 -28.66
N ALA A 100 42.19 26.74 -27.63
CA ALA A 100 43.55 26.22 -27.68
C ALA A 100 43.71 25.09 -26.69
N ASP A 101 44.66 24.20 -26.98
CA ASP A 101 45.00 23.11 -26.08
C ASP A 101 46.00 23.50 -25.01
N PHE A 102 46.81 24.53 -25.24
CA PHE A 102 47.82 24.96 -24.30
C PHE A 102 47.87 26.48 -24.26
N ASP A 103 48.29 27.01 -23.12
CA ASP A 103 48.43 28.45 -22.94
C ASP A 103 49.69 28.89 -23.66
N LEU A 104 49.55 29.13 -24.97
CA LEU A 104 50.65 29.51 -25.83
C LEU A 104 50.52 30.94 -26.33
N ALA A 105 49.74 31.77 -25.64
CA ALA A 105 49.45 33.12 -26.12
C ALA A 105 50.56 34.08 -25.74
N THR A 106 50.87 34.98 -26.66
CA THR A 106 51.88 36.02 -26.50
C THR A 106 51.20 37.39 -26.58
N LYS A 107 52.01 38.44 -26.62
CA LYS A 107 51.50 39.77 -26.91
C LYS A 107 51.20 39.96 -28.40
N THR A 108 51.66 39.04 -29.25
CA THR A 108 51.42 39.09 -30.68
C THR A 108 50.58 37.93 -31.20
N PHE A 109 50.34 36.91 -30.38
CA PHE A 109 49.59 35.73 -30.75
C PHE A 109 48.52 35.47 -29.69
N PRO A 110 47.27 35.20 -30.09
CA PRO A 110 46.80 35.23 -31.48
C PRO A 110 46.54 36.65 -31.97
N ASN A 111 46.43 36.83 -33.28
CA ASN A 111 46.29 38.16 -33.86
C ASN A 111 45.04 38.86 -33.31
N TRP A 112 45.18 40.16 -33.05
CA TRP A 112 44.11 40.93 -32.42
C TRP A 112 43.11 41.45 -33.46
N MET A 113 42.52 40.51 -34.20
CA MET A 113 41.50 40.83 -35.18
C MET A 113 40.41 39.76 -35.09
N GLU A 114 39.32 39.96 -35.83
CA GLU A 114 38.21 39.02 -35.72
C GLU A 114 38.60 37.62 -36.16
N ASN A 115 39.46 37.49 -37.18
CA ASN A 115 39.78 36.11 -37.54
C ASN A 115 41.20 35.63 -37.34
N PRO A 116 41.69 35.52 -36.12
CA PRO A 116 41.89 34.18 -35.57
C PRO A 116 40.82 33.88 -34.53
N TRP A 117 40.12 34.93 -34.10
CA TRP A 117 39.16 34.87 -33.01
C TRP A 117 37.80 34.44 -33.52
N VAL A 118 36.85 34.29 -32.60
CA VAL A 118 35.46 33.97 -32.93
C VAL A 118 34.55 34.88 -32.13
N LYS A 119 33.66 35.58 -32.82
CA LYS A 119 32.76 36.52 -32.16
C LYS A 119 31.58 35.78 -31.54
N VAL A 120 31.29 36.09 -30.28
CA VAL A 120 30.11 35.57 -29.62
C VAL A 120 28.95 36.50 -29.94
N ASP A 121 29.08 37.78 -29.56
CA ASP A 121 28.05 38.77 -29.85
C ASP A 121 28.58 40.16 -29.52
N THR A 122 27.80 41.16 -29.92
CA THR A 122 27.95 42.53 -29.48
C THR A 122 27.07 42.75 -28.27
N ILE A 123 27.69 43.08 -27.14
CA ILE A 123 27.04 43.26 -25.85
C ILE A 123 26.69 44.72 -25.66
N ALA A 124 25.46 44.96 -25.19
CA ALA A 124 24.92 46.29 -24.94
C ALA A 124 24.10 46.28 -23.67
N ALA A 125 23.94 47.47 -23.08
CA ALA A 125 23.11 47.65 -21.90
C ALA A 125 21.65 47.62 -22.31
N ASP A 126 20.93 46.55 -21.96
CA ASP A 126 19.57 46.34 -22.45
C ASP A 126 18.70 45.71 -21.35
N GLU A 127 18.05 46.56 -20.57
CA GLU A 127 16.87 46.22 -19.77
C GLU A 127 17.11 45.20 -18.65
N SER A 128 18.33 44.67 -18.55
CA SER A 128 18.67 43.69 -17.52
C SER A 128 19.79 44.30 -16.69
N PHE A 129 19.45 44.81 -15.52
CA PHE A 129 20.39 45.60 -14.74
C PHE A 129 19.85 45.81 -13.32
N SER A 130 20.71 46.35 -12.47
CA SER A 130 20.37 46.67 -11.09
C SER A 130 20.85 48.08 -10.79
N GLN A 131 20.33 48.65 -9.70
CA GLN A 131 20.73 49.97 -9.24
C GLN A 131 21.26 49.86 -7.82
N VAL A 132 22.45 50.40 -7.59
CA VAL A 132 23.09 50.34 -6.28
C VAL A 132 23.45 51.75 -5.82
N ASP A 133 23.13 52.06 -4.57
CA ASP A 133 23.58 53.31 -3.98
C ASP A 133 25.08 53.24 -3.72
N LEU A 134 25.76 54.37 -3.87
CA LEU A 134 27.18 54.42 -3.53
C LEU A 134 27.47 55.36 -2.37
N GLY A 135 27.13 56.64 -2.49
CA GLY A 135 27.33 57.62 -1.46
C GLY A 135 26.21 58.63 -1.51
N GLY A 136 25.05 58.17 -1.98
CA GLY A 136 23.92 59.02 -2.27
C GLY A 136 23.60 59.13 -3.74
N ARG A 137 24.56 58.86 -4.62
CA ARG A 137 24.32 58.78 -6.05
C ARG A 137 24.27 57.31 -6.46
N VAL A 138 23.28 56.96 -7.28
CA VAL A 138 22.98 55.58 -7.63
C VAL A 138 23.64 55.25 -8.96
N MET A 139 24.25 54.06 -9.03
CA MET A 139 24.86 53.55 -10.24
C MET A 139 24.04 52.41 -10.81
N LYS A 140 23.94 52.37 -12.13
CA LYS A 140 23.25 51.33 -12.87
C LYS A 140 24.26 50.31 -13.39
N ILE A 141 24.10 49.06 -12.99
CA ILE A 141 25.02 47.98 -13.35
C ILE A 141 24.25 46.98 -14.20
N ASN A 142 24.62 46.86 -15.47
CA ASN A 142 24.00 45.93 -16.39
C ASN A 142 24.63 44.56 -16.27
N THR A 143 23.81 43.53 -16.43
CA THR A 143 24.25 42.14 -16.44
C THR A 143 23.76 41.49 -17.72
N GLU A 144 24.66 40.85 -18.46
CA GLU A 144 24.32 40.21 -19.73
C GLU A 144 25.05 38.88 -19.85
N VAL A 145 24.32 37.84 -20.23
CA VAL A 145 24.90 36.51 -20.44
C VAL A 145 24.89 36.21 -21.93
N ARG A 146 25.96 35.55 -22.40
CA ARG A 146 26.00 34.99 -23.74
C ARG A 146 26.55 33.58 -23.64
N SER A 147 26.32 32.79 -24.68
CA SER A 147 26.78 31.40 -24.68
C SER A 147 27.38 31.06 -26.03
N PHE A 148 28.32 30.13 -26.02
CA PHE A 148 28.93 29.68 -27.27
C PHE A 148 29.37 28.23 -27.14
N GLY A 149 29.12 27.46 -28.20
CA GLY A 149 29.53 26.07 -28.29
C GLY A 149 29.33 25.56 -29.70
N PRO A 150 29.96 24.43 -30.05
CA PRO A 150 30.78 23.54 -29.22
C PRO A 150 32.19 24.03 -28.93
N VAL A 151 32.76 23.50 -27.85
CA VAL A 151 34.12 23.78 -27.42
C VAL A 151 34.83 22.44 -27.20
N SER A 152 36.03 22.31 -27.78
CA SER A 152 36.64 21.00 -27.94
C SER A 152 38.03 20.88 -27.33
N ARG A 153 38.78 21.99 -27.32
CA ARG A 153 40.15 21.93 -26.86
C ARG A 153 40.20 22.03 -25.33
N ASN A 154 41.40 21.84 -24.78
CA ASN A 154 41.55 21.84 -23.33
C ASN A 154 41.13 23.18 -22.72
N GLY A 155 41.23 24.26 -23.48
CA GLY A 155 40.88 25.55 -22.93
C GLY A 155 40.66 26.61 -23.99
N PHE A 156 40.47 27.84 -23.52
CA PHE A 156 40.16 28.95 -24.39
C PHE A 156 40.48 30.26 -23.68
N TYR A 157 40.58 31.32 -24.48
CA TYR A 157 40.65 32.68 -23.99
C TYR A 157 39.40 33.44 -24.42
N LEU A 158 39.01 34.40 -23.59
CA LEU A 158 37.99 35.37 -23.93
C LEU A 158 38.64 36.72 -24.20
N ALA A 159 38.06 37.47 -25.14
CA ALA A 159 38.58 38.77 -25.53
C ALA A 159 37.41 39.76 -25.61
N PHE A 160 37.67 40.98 -25.16
CA PHE A 160 36.67 42.05 -25.14
C PHE A 160 37.19 43.22 -25.96
N GLN A 161 36.34 43.74 -26.83
CA GLN A 161 36.72 44.78 -27.77
C GLN A 161 35.88 46.04 -27.54
N ASP A 162 36.56 47.17 -27.39
CA ASP A 162 35.96 48.49 -27.42
C ASP A 162 36.38 49.20 -28.69
N TYR A 163 35.44 49.96 -29.26
CA TYR A 163 35.66 50.75 -30.47
C TYR A 163 35.21 52.19 -30.26
N GLY A 164 35.65 52.78 -29.15
CA GLY A 164 35.43 54.19 -28.89
C GLY A 164 34.25 54.50 -27.98
N GLY A 165 34.26 53.93 -26.77
CA GLY A 165 33.22 54.21 -25.80
C GLY A 165 33.81 54.42 -24.42
N CYS A 166 32.93 54.87 -23.52
CA CYS A 166 33.25 55.05 -22.11
C CYS A 166 32.52 53.97 -21.32
N MET A 167 33.25 52.95 -20.88
CA MET A 167 32.60 51.83 -20.22
C MET A 167 33.53 51.22 -19.17
N SER A 168 32.91 50.48 -18.26
CA SER A 168 33.58 49.84 -17.12
C SER A 168 33.09 48.41 -17.03
N LEU A 169 33.96 47.47 -17.33
CA LEU A 169 33.71 46.04 -17.19
C LEU A 169 34.01 45.64 -15.75
N ILE A 170 32.97 45.33 -14.99
CA ILE A 170 33.07 45.10 -13.55
C ILE A 170 33.41 43.65 -13.23
N ALA A 171 32.71 42.70 -13.86
CA ALA A 171 32.90 41.30 -13.51
C ALA A 171 32.65 40.42 -14.73
N VAL A 172 33.36 39.29 -14.78
CA VAL A 172 33.16 38.25 -15.77
C VAL A 172 33.12 36.92 -15.04
N ARG A 173 32.04 36.17 -15.19
CA ARG A 173 31.95 34.81 -14.70
C ARG A 173 31.72 33.87 -15.88
N VAL A 174 32.58 32.86 -16.00
CA VAL A 174 32.51 31.87 -17.05
C VAL A 174 32.10 30.55 -16.42
N PHE A 175 31.17 29.84 -17.03
CA PHE A 175 30.67 28.62 -16.40
C PHE A 175 30.05 27.71 -17.45
N TYR A 176 29.93 26.44 -17.08
CA TYR A 176 29.14 25.47 -17.82
C TYR A 176 28.05 24.92 -16.91
N ARG A 177 27.17 24.10 -17.49
CA ARG A 177 26.02 23.59 -16.75
C ARG A 177 25.96 22.08 -16.84
N LYS A 178 25.70 21.44 -15.71
CA LYS A 178 25.51 20.01 -15.63
C LYS A 178 24.20 19.70 -14.94
N CYS A 179 23.68 18.51 -15.22
CA CYS A 179 22.50 18.02 -14.54
C CYS A 179 22.93 17.08 -13.42
N PRO A 180 22.43 17.26 -12.20
CA PRO A 180 22.92 16.45 -11.08
C PRO A 180 22.39 15.04 -11.13
N ARG A 181 23.02 14.17 -10.34
CA ARG A 181 22.49 12.83 -10.14
C ARG A 181 21.08 12.93 -9.59
N ILE A 182 20.16 12.16 -10.17
CA ILE A 182 18.76 12.21 -9.74
C ILE A 182 18.19 10.79 -9.70
N ILE A 183 17.14 10.62 -8.92
CA ILE A 183 16.40 9.37 -8.87
C ILE A 183 14.97 9.66 -9.33
N GLN A 184 14.59 9.06 -10.46
CA GLN A 184 13.26 9.24 -11.03
C GLN A 184 12.71 7.91 -11.48
N ASN A 185 11.44 7.67 -11.17
CA ASN A 185 10.73 6.46 -11.56
C ASN A 185 11.53 5.21 -11.21
N GLY A 186 12.17 5.25 -10.05
CA GLY A 186 12.92 4.12 -9.54
C GLY A 186 14.31 3.94 -10.11
N ALA A 187 14.85 4.93 -10.80
CA ALA A 187 16.13 4.79 -11.48
C ALA A 187 17.09 5.90 -11.10
N ILE A 188 18.36 5.55 -10.96
CA ILE A 188 19.43 6.52 -10.73
C ILE A 188 19.98 6.95 -12.08
N PHE A 189 19.76 8.23 -12.41
CA PHE A 189 20.33 8.86 -13.59
C PHE A 189 21.55 9.64 -13.15
N GLN A 190 22.69 9.35 -13.76
CA GLN A 190 23.97 9.88 -13.33
C GLN A 190 24.17 11.29 -13.86
N GLU A 191 25.25 11.93 -13.40
CA GLU A 191 25.55 13.29 -13.78
C GLU A 191 25.74 13.40 -15.30
N THR A 192 25.17 14.43 -15.89
CA THR A 192 25.23 14.63 -17.33
C THR A 192 25.48 16.11 -17.61
N LEU A 193 26.59 16.40 -18.29
CA LEU A 193 26.90 17.76 -18.68
C LEU A 193 25.98 18.19 -19.83
N SER A 194 25.57 19.46 -19.82
CA SER A 194 24.70 19.96 -20.86
C SER A 194 25.40 19.96 -22.20
N GLY A 195 24.61 19.86 -23.27
CA GLY A 195 25.15 19.76 -24.62
C GLY A 195 25.60 21.09 -25.19
N ALA A 196 26.27 21.00 -26.34
CA ALA A 196 26.89 22.18 -26.93
C ALA A 196 25.86 23.15 -27.50
N GLU A 197 24.89 22.64 -28.25
CA GLU A 197 23.90 23.51 -28.87
C GLU A 197 22.94 24.05 -27.82
N SER A 198 22.43 25.26 -28.06
CA SER A 198 21.60 25.92 -27.05
C SER A 198 20.37 25.10 -26.71
N THR A 199 19.71 24.55 -27.73
CA THR A 199 18.50 23.75 -27.54
C THR A 199 18.80 22.28 -27.28
N SER A 200 20.03 21.94 -26.94
CA SER A 200 20.41 20.54 -26.77
C SER A 200 19.64 19.89 -25.63
N LEU A 201 19.21 18.66 -25.87
CA LEU A 201 18.63 17.81 -24.83
C LEU A 201 19.41 16.50 -24.83
N VAL A 202 20.27 16.32 -23.83
CA VAL A 202 21.19 15.19 -23.79
C VAL A 202 20.56 14.03 -23.03
N ALA A 203 20.68 12.82 -23.57
CA ALA A 203 20.01 11.65 -23.01
C ALA A 203 20.93 10.89 -22.07
N ALA A 204 20.36 10.41 -20.97
CA ALA A 204 21.05 9.56 -20.01
C ALA A 204 20.17 8.39 -19.63
N ARG A 205 20.80 7.25 -19.36
CA ARG A 205 20.11 6.00 -19.10
C ARG A 205 19.97 5.76 -17.60
N GLY A 206 18.80 5.28 -17.20
CA GLY A 206 18.56 4.96 -15.81
C GLY A 206 18.85 3.52 -15.47
N SER A 207 19.35 3.32 -14.25
CA SER A 207 19.58 2.00 -13.68
C SER A 207 18.75 1.88 -12.40
N CYS A 208 18.18 0.70 -12.18
CA CYS A 208 17.26 0.51 -11.07
C CYS A 208 17.96 0.75 -9.73
N ILE A 209 17.21 1.28 -8.78
CA ILE A 209 17.73 1.63 -7.47
C ILE A 209 17.69 0.41 -6.55
N ALA A 210 18.84 0.03 -6.02
CA ALA A 210 18.97 -1.02 -5.02
C ALA A 210 18.10 -2.24 -5.32
N ASN A 211 17.14 -2.50 -4.44
CA ASN A 211 16.25 -3.65 -4.57
C ASN A 211 15.02 -3.27 -5.40
N ALA A 212 15.27 -3.04 -6.69
CA ALA A 212 14.22 -2.73 -7.64
C ALA A 212 14.58 -3.35 -8.99
N GLU A 213 13.57 -3.47 -9.85
CA GLU A 213 13.73 -4.14 -11.13
C GLU A 213 13.00 -3.36 -12.22
N GLU A 214 13.56 -3.40 -13.42
CA GLU A 214 13.02 -2.66 -14.55
C GLU A 214 11.66 -3.22 -14.93
N VAL A 215 10.68 -2.34 -15.15
CA VAL A 215 9.34 -2.81 -15.47
C VAL A 215 8.94 -2.32 -16.86
N ASP A 216 8.93 -1.01 -17.04
CA ASP A 216 8.65 -0.40 -18.35
C ASP A 216 9.94 0.14 -18.92
N VAL A 217 10.23 -0.23 -20.16
CA VAL A 217 11.52 0.11 -20.80
C VAL A 217 11.23 0.80 -22.13
N PRO A 218 12.19 1.61 -22.62
CA PRO A 218 13.49 1.94 -22.03
C PRO A 218 13.42 3.03 -20.95
N ILE A 219 14.44 3.08 -20.10
CA ILE A 219 14.48 4.01 -18.98
C ILE A 219 15.45 5.12 -19.35
N LYS A 220 14.92 6.32 -19.60
CA LYS A 220 15.71 7.42 -20.14
C LYS A 220 15.29 8.74 -19.50
N LEU A 221 16.25 9.64 -19.36
CA LEU A 221 15.97 10.99 -18.91
C LEU A 221 16.80 11.97 -19.72
N TYR A 222 16.32 13.21 -19.84
CA TYR A 222 16.94 14.19 -20.71
C TYR A 222 17.34 15.42 -19.92
N CYS A 223 18.52 15.96 -20.23
CA CYS A 223 19.11 17.10 -19.56
C CYS A 223 19.13 18.30 -20.52
N ASN A 224 18.67 19.44 -20.03
CA ASN A 224 18.54 20.65 -20.83
C ASN A 224 19.66 21.65 -20.54
N GLY A 225 19.73 22.68 -21.38
CA GLY A 225 20.82 23.63 -21.28
C GLY A 225 20.85 24.40 -19.98
N ASP A 226 19.69 24.62 -19.38
CA ASP A 226 19.61 25.34 -18.11
C ASP A 226 19.96 24.47 -16.92
N GLY A 227 20.43 23.24 -17.14
CA GLY A 227 20.86 22.38 -16.07
C GLY A 227 19.78 21.55 -15.43
N GLU A 228 18.59 21.47 -16.03
CA GLU A 228 17.44 20.82 -15.43
C GLU A 228 17.06 19.58 -16.23
N TRP A 229 16.66 18.53 -15.53
CA TRP A 229 16.16 17.32 -16.17
C TRP A 229 14.72 17.54 -16.62
N LEU A 230 14.33 16.80 -17.65
CA LEU A 230 12.97 16.87 -18.20
C LEU A 230 12.11 15.73 -17.65
N VAL A 231 10.95 15.52 -18.25
CA VAL A 231 10.04 14.45 -17.81
C VAL A 231 10.70 13.09 -18.06
N PRO A 232 10.52 12.12 -17.17
CA PRO A 232 11.18 10.82 -17.34
C PRO A 232 10.46 9.90 -18.32
N ILE A 233 11.23 8.94 -18.84
CA ILE A 233 10.72 7.89 -19.71
C ILE A 233 11.15 6.55 -19.13
N GLY A 234 10.21 5.63 -18.97
CA GLY A 234 10.49 4.32 -18.40
C GLY A 234 10.15 4.26 -16.92
N ARG A 235 10.43 3.09 -16.34
CA ARG A 235 10.11 2.89 -14.92
C ARG A 235 10.83 1.68 -14.35
N CYS A 236 11.38 1.87 -13.16
CA CYS A 236 11.82 0.78 -12.29
C CYS A 236 10.84 0.69 -11.13
N MET A 237 10.54 -0.53 -10.68
CA MET A 237 9.63 -0.72 -9.57
C MET A 237 10.29 -1.55 -8.49
N CYS A 238 9.94 -1.26 -7.23
CA CYS A 238 10.44 -2.08 -6.13
C CYS A 238 9.95 -3.51 -6.28
N LYS A 239 10.88 -4.46 -6.16
CA LYS A 239 10.56 -5.86 -6.35
C LYS A 239 9.78 -6.39 -5.16
N ALA A 240 9.36 -7.65 -5.27
CA ALA A 240 8.56 -8.27 -4.22
C ALA A 240 9.36 -8.32 -2.91
N GLY A 241 8.64 -8.15 -1.80
CA GLY A 241 9.26 -8.03 -0.51
C GLY A 241 9.85 -6.68 -0.19
N PHE A 242 9.69 -5.71 -1.10
CA PHE A 242 10.27 -4.39 -0.94
C PHE A 242 9.23 -3.33 -1.26
N GLU A 243 9.22 -2.26 -0.47
CA GLU A 243 8.24 -1.18 -0.58
C GLU A 243 8.97 0.15 -0.79
N ALA A 244 8.34 1.05 -1.53
CA ALA A 244 8.95 2.33 -1.86
C ALA A 244 8.87 3.28 -0.68
N VAL A 245 10.00 3.86 -0.31
CA VAL A 245 10.09 4.75 0.84
C VAL A 245 10.97 5.96 0.49
N GLU A 246 10.76 7.02 1.27
CA GLU A 246 11.49 8.29 1.17
C GLU A 246 11.25 8.95 -0.18
N ASN A 247 9.97 9.18 -0.47
CA ASN A 247 9.54 9.76 -1.74
C ASN A 247 10.09 8.97 -2.93
N GLY A 248 10.07 7.65 -2.79
CA GLY A 248 10.51 6.78 -3.87
C GLY A 248 11.99 6.72 -4.10
N THR A 249 12.81 7.08 -3.12
CA THR A 249 14.25 7.00 -3.29
C THR A 249 14.84 5.67 -2.86
N VAL A 250 14.17 4.93 -1.96
CA VAL A 250 14.69 3.63 -1.53
C VAL A 250 13.58 2.59 -1.65
N CYS A 251 13.97 1.34 -1.89
CA CYS A 251 13.10 0.19 -1.75
C CYS A 251 13.55 -0.58 -0.53
N ARG A 252 12.68 -0.65 0.48
CA ARG A 252 13.00 -1.20 1.79
C ARG A 252 12.30 -2.53 1.99
N GLY A 253 12.97 -3.43 2.72
CA GLY A 253 12.34 -4.70 3.04
C GLY A 253 11.06 -4.50 3.81
N CYS A 254 10.07 -5.35 3.53
CA CYS A 254 8.79 -5.26 4.22
C CYS A 254 9.01 -5.44 5.72
N PRO A 255 8.47 -4.55 6.56
CA PRO A 255 8.62 -4.73 8.00
C PRO A 255 7.92 -6.00 8.47
N SER A 256 8.37 -6.50 9.62
CA SER A 256 7.78 -7.71 10.18
C SER A 256 6.29 -7.50 10.42
N GLY A 257 5.51 -8.55 10.18
CA GLY A 257 4.08 -8.48 10.18
C GLY A 257 3.47 -8.11 8.84
N THR A 258 4.29 -7.77 7.84
CA THR A 258 3.82 -7.34 6.54
C THR A 258 4.50 -8.16 5.45
N PHE A 259 3.80 -8.33 4.33
CA PHE A 259 4.32 -9.12 3.21
C PHE A 259 3.99 -8.43 1.90
N LYS A 260 4.76 -8.79 0.86
CA LYS A 260 4.54 -8.32 -0.49
C LYS A 260 5.00 -9.41 -1.45
N ALA A 261 4.13 -9.79 -2.40
CA ALA A 261 4.40 -10.95 -3.25
C ALA A 261 4.69 -10.59 -4.70
N ASN A 262 4.25 -9.43 -5.18
CA ASN A 262 4.43 -9.05 -6.57
C ASN A 262 5.04 -7.66 -6.66
N GLN A 263 5.72 -7.39 -7.78
CA GLN A 263 6.44 -6.14 -7.95
C GLN A 263 5.49 -4.95 -7.88
N GLY A 264 5.98 -3.86 -7.30
CA GLY A 264 5.20 -2.63 -7.25
C GLY A 264 5.80 -1.58 -6.34
N ASP A 265 5.34 -0.34 -6.48
CA ASP A 265 5.75 0.74 -5.59
C ASP A 265 4.85 0.82 -4.37
N GLU A 266 3.79 0.02 -4.32
CA GLU A 266 2.85 0.02 -3.21
C GLU A 266 3.53 -0.42 -1.92
N ALA A 267 2.82 -0.24 -0.82
CA ALA A 267 3.33 -0.56 0.51
C ALA A 267 2.89 -1.96 0.92
N CYS A 268 3.71 -2.59 1.78
CA CYS A 268 3.44 -3.94 2.22
C CYS A 268 2.16 -3.99 3.06
N THR A 269 1.44 -5.10 2.90
CA THR A 269 0.19 -5.32 3.62
C THR A 269 0.38 -6.32 4.75
N HIS A 270 -0.41 -6.14 5.80
CA HIS A 270 -0.24 -6.95 7.01
C HIS A 270 -0.53 -8.42 6.75
N CYS A 271 0.16 -9.27 7.48
CA CYS A 271 -0.06 -10.70 7.39
C CYS A 271 -1.51 -11.02 7.75
N PRO A 272 -2.18 -11.89 6.98
CA PRO A 272 -3.55 -12.26 7.31
C PRO A 272 -3.62 -12.95 8.67
N ILE A 273 -4.83 -12.94 9.25
CA ILE A 273 -5.02 -13.50 10.59
C ILE A 273 -4.54 -14.94 10.62
N ASN A 274 -3.92 -15.32 11.74
CA ASN A 274 -3.39 -16.67 11.96
C ASN A 274 -2.23 -16.97 11.02
N SER A 275 -1.45 -15.94 10.68
CA SER A 275 -0.25 -16.08 9.88
C SER A 275 0.79 -15.09 10.41
N ARG A 276 2.04 -15.34 10.08
CA ARG A 276 3.12 -14.53 10.60
C ARG A 276 4.29 -14.51 9.62
N THR A 277 5.20 -13.56 9.82
CA THR A 277 6.43 -13.48 9.05
C THR A 277 7.55 -14.22 9.79
N THR A 278 8.22 -15.12 9.08
CA THR A 278 9.44 -15.71 9.61
C THR A 278 10.54 -14.67 9.76
N SER A 279 10.53 -13.63 8.91
CA SER A 279 11.58 -12.63 8.89
C SER A 279 11.04 -11.39 8.19
N GLU A 280 11.92 -10.38 8.06
CA GLU A 280 11.57 -9.16 7.34
C GLU A 280 11.67 -9.39 5.84
N GLY A 281 11.10 -8.45 5.08
CA GLY A 281 11.15 -8.51 3.63
C GLY A 281 10.52 -9.77 3.07
N ALA A 282 9.34 -10.10 3.57
CA ALA A 282 8.71 -11.39 3.30
C ALA A 282 7.84 -11.33 2.05
N THR A 283 7.94 -12.38 1.23
CA THR A 283 7.04 -12.59 0.11
C THR A 283 5.79 -13.36 0.50
N ASN A 284 5.78 -14.00 1.65
CA ASN A 284 4.63 -14.77 2.10
C ASN A 284 4.59 -14.78 3.63
N CYS A 285 3.41 -15.04 4.17
CA CYS A 285 3.21 -15.24 5.59
C CYS A 285 2.99 -16.72 5.85
N VAL A 286 3.77 -17.28 6.76
CA VAL A 286 3.64 -18.69 7.10
C VAL A 286 2.43 -18.87 8.00
N CYS A 287 1.62 -19.89 7.70
CA CYS A 287 0.44 -20.15 8.49
C CYS A 287 0.81 -20.63 9.88
N ARG A 288 -0.05 -20.28 10.85
CA ARG A 288 0.13 -20.73 12.23
C ARG A 288 0.07 -22.26 12.30
N ASN A 289 0.87 -22.83 13.19
CA ASN A 289 0.93 -24.28 13.34
C ASN A 289 -0.45 -24.85 13.63
N GLY A 290 -0.83 -25.88 12.87
CA GLY A 290 -2.17 -26.42 12.93
C GLY A 290 -3.18 -25.70 12.06
N TYR A 291 -2.78 -24.59 11.43
CA TYR A 291 -3.64 -23.82 10.56
C TYR A 291 -3.04 -23.80 9.16
N TYR A 292 -3.88 -23.87 8.14
CA TYR A 292 -3.39 -23.98 6.78
C TYR A 292 -4.19 -23.06 5.87
N ARG A 293 -3.57 -22.62 4.78
CA ARG A 293 -4.28 -21.93 3.72
C ARG A 293 -4.39 -22.86 2.52
N ALA A 294 -5.52 -22.77 1.82
CA ALA A 294 -5.80 -23.69 0.72
C ALA A 294 -5.36 -23.09 -0.60
N ASP A 295 -5.18 -23.97 -1.59
CA ASP A 295 -5.14 -23.52 -2.96
C ASP A 295 -6.50 -22.95 -3.36
N LEU A 296 -6.48 -22.01 -4.29
CA LEU A 296 -7.66 -21.26 -4.75
C LEU A 296 -8.24 -20.38 -3.63
N ASP A 297 -7.53 -20.22 -2.53
CA ASP A 297 -7.91 -19.35 -1.42
C ASP A 297 -7.28 -17.98 -1.62
N PRO A 298 -8.06 -16.89 -1.53
CA PRO A 298 -7.46 -15.55 -1.61
C PRO A 298 -6.38 -15.39 -0.54
N LEU A 299 -5.26 -14.79 -0.92
CA LEU A 299 -4.14 -14.69 0.00
C LEU A 299 -4.38 -13.63 1.07
N ASP A 300 -5.32 -12.72 0.84
CA ASP A 300 -5.74 -11.83 1.92
C ASP A 300 -6.49 -12.58 3.02
N MET A 301 -7.03 -13.76 2.69
CA MET A 301 -7.85 -14.49 3.64
C MET A 301 -6.98 -15.06 4.76
N PRO A 302 -7.50 -15.13 5.99
CA PRO A 302 -6.73 -15.73 7.09
C PRO A 302 -6.48 -17.21 6.86
N CYS A 303 -5.41 -17.71 7.47
CA CYS A 303 -5.20 -19.15 7.55
C CYS A 303 -6.35 -19.79 8.32
N THR A 304 -6.75 -20.98 7.88
CA THR A 304 -7.93 -21.64 8.43
C THR A 304 -7.56 -23.05 8.88
N THR A 305 -8.48 -23.68 9.61
CA THR A 305 -8.23 -24.99 10.19
C THR A 305 -9.46 -25.88 9.98
N ILE A 306 -9.33 -27.13 10.41
CA ILE A 306 -10.38 -28.15 10.24
C ILE A 306 -11.51 -27.88 11.23
N PRO A 307 -12.73 -28.30 10.93
CA PRO A 307 -13.84 -28.04 11.85
C PRO A 307 -13.85 -29.02 13.02
N SER A 308 -14.62 -28.65 14.03
CA SER A 308 -14.84 -29.53 15.17
C SER A 308 -15.95 -30.52 14.82
N ALA A 309 -16.36 -31.33 15.80
CA ALA A 309 -17.36 -32.34 15.54
C ALA A 309 -18.76 -31.73 15.47
N PRO A 310 -19.67 -32.34 14.71
CA PRO A 310 -21.08 -31.98 14.81
C PRO A 310 -21.59 -32.25 16.22
N GLN A 311 -22.76 -31.67 16.52
CA GLN A 311 -23.32 -31.80 17.86
C GLN A 311 -24.83 -31.95 17.76
N ALA A 312 -25.43 -32.35 18.89
CA ALA A 312 -26.87 -32.51 19.03
C ALA A 312 -27.43 -33.45 17.96
N VAL A 313 -26.92 -34.67 17.97
CA VAL A 313 -27.34 -35.67 16.98
C VAL A 313 -28.69 -36.23 17.39
N ILE A 314 -29.68 -36.07 16.52
CA ILE A 314 -31.06 -36.45 16.77
C ILE A 314 -31.49 -37.43 15.68
N SER A 315 -32.00 -38.58 16.11
CA SER A 315 -32.23 -39.72 15.23
C SER A 315 -33.68 -40.18 15.35
N SER A 316 -34.34 -40.34 14.20
CA SER A 316 -35.72 -40.81 14.14
C SER A 316 -35.80 -41.95 13.14
N VAL A 317 -36.20 -43.14 13.60
CA VAL A 317 -36.17 -44.35 12.78
C VAL A 317 -37.60 -44.76 12.46
N ASN A 318 -37.90 -44.87 11.17
CA ASN A 318 -39.18 -45.36 10.66
C ASN A 318 -38.89 -46.72 10.02
N GLU A 319 -39.01 -47.78 10.81
CA GLU A 319 -38.85 -49.17 10.35
C GLU A 319 -37.42 -49.33 9.84
N THR A 320 -37.20 -49.89 8.66
CA THR A 320 -35.85 -50.02 8.13
C THR A 320 -35.26 -48.68 7.70
N SER A 321 -36.09 -47.66 7.53
CA SER A 321 -35.62 -46.34 7.12
C SER A 321 -35.24 -45.50 8.35
N LEU A 322 -34.35 -44.55 8.12
CA LEU A 322 -33.74 -43.79 9.22
C LEU A 322 -33.63 -42.33 8.83
N MET A 323 -33.58 -41.46 9.84
CA MET A 323 -33.38 -40.02 9.62
C MET A 323 -32.44 -39.52 10.70
N LEU A 324 -31.34 -38.89 10.28
CA LEU A 324 -30.34 -38.35 11.20
C LEU A 324 -30.17 -36.87 10.91
N GLU A 325 -30.49 -36.02 11.90
CA GLU A 325 -30.19 -34.60 11.78
C GLU A 325 -29.31 -34.19 12.94
N TRP A 326 -28.66 -33.03 12.79
CA TRP A 326 -27.74 -32.54 13.81
C TRP A 326 -27.59 -31.03 13.62
N THR A 327 -26.76 -30.43 14.48
CA THR A 327 -26.44 -29.02 14.38
C THR A 327 -24.94 -28.85 14.15
N PRO A 328 -24.54 -27.81 13.41
CA PRO A 328 -23.16 -27.74 12.90
C PRO A 328 -22.14 -27.64 14.02
N PRO A 329 -20.86 -27.85 13.70
CA PRO A 329 -19.83 -27.83 14.76
C PRO A 329 -19.71 -26.47 15.43
N ARG A 330 -19.26 -26.50 16.68
CA ARG A 330 -18.98 -25.28 17.41
C ARG A 330 -18.01 -24.39 16.66
N ASP A 331 -16.88 -24.95 16.23
CA ASP A 331 -15.85 -24.23 15.50
C ASP A 331 -15.86 -24.72 14.05
N SER A 332 -16.18 -23.82 13.14
CA SER A 332 -16.23 -24.14 11.72
C SER A 332 -14.86 -24.03 11.04
N GLY A 333 -13.82 -23.68 11.78
CA GLY A 333 -12.49 -23.54 11.22
C GLY A 333 -12.24 -22.25 10.45
N GLY A 334 -13.20 -21.33 10.45
CA GLY A 334 -13.06 -20.11 9.69
C GLY A 334 -13.41 -20.22 8.22
N ARG A 335 -13.96 -21.35 7.79
CA ARG A 335 -14.27 -21.60 6.39
C ARG A 335 -15.77 -21.78 6.21
N GLU A 336 -16.24 -21.47 5.00
CA GLU A 336 -17.63 -21.70 4.62
C GLU A 336 -17.81 -22.92 3.72
N ASP A 337 -16.75 -23.71 3.53
CA ASP A 337 -16.81 -24.92 2.71
C ASP A 337 -16.98 -26.16 3.58
N LEU A 338 -17.75 -26.04 4.65
CA LEU A 338 -17.94 -27.13 5.59
C LEU A 338 -19.03 -28.09 5.12
N VAL A 339 -18.69 -29.40 5.10
CA VAL A 339 -19.60 -30.45 4.69
C VAL A 339 -19.40 -31.66 5.59
N TYR A 340 -20.39 -32.55 5.59
CA TYR A 340 -20.41 -33.70 6.49
C TYR A 340 -20.30 -35.01 5.73
N ASN A 341 -19.59 -35.96 6.32
CA ASN A 341 -19.47 -37.32 5.82
C ASN A 341 -20.11 -38.29 6.80
N ILE A 342 -20.84 -39.27 6.27
CA ILE A 342 -21.49 -40.29 7.09
C ILE A 342 -20.75 -41.61 6.86
N ILE A 343 -20.27 -42.21 7.94
CA ILE A 343 -19.71 -43.56 7.89
C ILE A 343 -20.61 -44.47 8.70
N CYS A 344 -20.87 -45.66 8.15
CA CYS A 344 -21.80 -46.64 8.68
C CYS A 344 -21.02 -47.77 9.33
N LYS A 345 -21.51 -48.25 10.48
CA LYS A 345 -20.86 -49.35 11.17
C LYS A 345 -21.96 -50.31 11.64
N SER A 346 -22.33 -51.25 10.76
CA SER A 346 -23.23 -52.32 11.17
C SER A 346 -22.54 -53.17 12.23
N CYS A 347 -23.24 -53.47 13.31
CA CYS A 347 -22.63 -54.19 14.42
C CYS A 347 -23.60 -55.24 14.92
N GLY A 348 -23.07 -56.22 15.62
CA GLY A 348 -23.91 -57.24 16.20
C GLY A 348 -24.82 -56.66 17.28
N SER A 349 -25.91 -57.40 17.54
CA SER A 349 -26.80 -57.01 18.63
C SER A 349 -26.10 -57.03 19.98
N GLY A 350 -25.12 -57.92 20.14
CA GLY A 350 -24.29 -57.96 21.33
C GLY A 350 -22.96 -57.28 21.12
N ARG A 351 -22.04 -57.55 22.05
CA ARG A 351 -20.70 -56.95 22.00
C ARG A 351 -19.77 -57.78 21.11
N GLY A 352 -20.20 -57.98 19.87
CA GLY A 352 -19.36 -58.54 18.84
C GLY A 352 -18.79 -57.45 17.97
N ALA A 353 -17.61 -57.70 17.42
CA ALA A 353 -16.91 -56.68 16.64
C ALA A 353 -17.76 -56.25 15.45
N CYS A 354 -17.80 -54.94 15.21
CA CYS A 354 -18.61 -54.39 14.14
C CYS A 354 -18.08 -54.81 12.78
N THR A 355 -18.99 -54.89 11.81
CA THR A 355 -18.66 -55.27 10.44
C THR A 355 -19.00 -54.13 9.50
N ARG A 356 -18.49 -54.23 8.27
CA ARG A 356 -18.80 -53.24 7.25
C ARG A 356 -20.28 -53.32 6.88
N CYS A 357 -20.86 -52.16 6.58
CA CYS A 357 -22.26 -52.11 6.21
C CYS A 357 -22.46 -52.65 4.80
N GLY A 358 -23.71 -52.95 4.46
CA GLY A 358 -24.00 -53.59 3.20
C GLY A 358 -23.99 -52.64 2.02
N ASP A 359 -23.78 -53.22 0.84
CA ASP A 359 -23.83 -52.44 -0.40
C ASP A 359 -25.24 -51.90 -0.65
N ASN A 360 -26.27 -52.58 -0.15
CA ASN A 360 -27.64 -52.21 -0.45
C ASN A 360 -28.08 -50.91 0.20
N VAL A 361 -27.43 -50.50 1.29
CA VAL A 361 -27.87 -49.31 2.02
C VAL A 361 -27.82 -48.09 1.11
N GLN A 362 -28.92 -47.35 1.06
CA GLN A 362 -29.06 -46.21 0.18
C GLN A 362 -29.07 -44.93 1.00
N TYR A 363 -28.33 -43.92 0.53
CA TYR A 363 -28.13 -42.67 1.25
C TYR A 363 -28.64 -41.52 0.38
N ALA A 364 -29.72 -40.88 0.83
CA ALA A 364 -30.29 -39.73 0.13
C ALA A 364 -30.08 -38.48 0.97
N PRO A 365 -29.43 -37.43 0.44
CA PRO A 365 -28.93 -37.30 -0.93
C PRO A 365 -27.73 -38.18 -1.28
N ARG A 366 -26.79 -38.36 -0.37
CA ARG A 366 -25.58 -39.12 -0.65
C ARG A 366 -24.87 -39.43 0.66
N GLN A 367 -23.90 -40.35 0.58
CA GLN A 367 -23.12 -40.71 1.77
C GLN A 367 -22.17 -39.60 2.18
N LEU A 368 -21.61 -38.87 1.23
CA LEU A 368 -20.45 -38.01 1.48
C LEU A 368 -20.73 -36.59 1.01
N GLY A 369 -19.95 -35.65 1.55
CA GLY A 369 -20.02 -34.27 1.11
C GLY A 369 -21.37 -33.61 1.32
N LEU A 370 -21.99 -33.85 2.47
CA LEU A 370 -23.34 -33.35 2.72
C LEU A 370 -23.32 -31.85 3.01
N THR A 371 -24.31 -31.16 2.46
CA THR A 371 -24.43 -29.71 2.66
C THR A 371 -25.34 -29.37 3.83
N GLU A 372 -26.51 -30.00 3.90
CA GLU A 372 -27.43 -29.80 5.01
C GLU A 372 -27.07 -30.72 6.17
N PRO A 373 -27.41 -30.33 7.42
CA PRO A 373 -27.07 -31.15 8.59
C PRO A 373 -28.03 -32.31 8.82
N ARG A 374 -28.34 -33.04 7.75
CA ARG A 374 -29.32 -34.12 7.83
C ARG A 374 -29.07 -35.11 6.71
N ILE A 375 -29.28 -36.39 7.03
CA ILE A 375 -29.22 -37.48 6.07
C ILE A 375 -30.46 -38.35 6.24
N TYR A 376 -31.08 -38.70 5.12
CA TYR A 376 -32.20 -39.63 5.09
C TYR A 376 -31.66 -40.96 4.58
N ILE A 377 -31.87 -42.03 5.35
CA ILE A 377 -31.24 -43.32 5.11
C ILE A 377 -32.31 -44.33 4.72
N SER A 378 -32.09 -45.01 3.60
CA SER A 378 -33.00 -45.99 3.02
C SER A 378 -32.68 -47.39 3.54
N ASP A 379 -33.03 -48.41 2.76
CA ASP A 379 -33.00 -49.82 3.12
C ASP A 379 -31.85 -50.17 4.05
N LEU A 380 -32.16 -50.86 5.15
CA LEU A 380 -31.16 -51.23 6.13
C LEU A 380 -31.65 -52.49 6.84
N LEU A 381 -30.69 -53.28 7.32
CA LEU A 381 -31.01 -54.54 7.98
C LEU A 381 -31.91 -54.30 9.18
N ALA A 382 -33.07 -54.95 9.20
CA ALA A 382 -34.04 -54.79 10.27
C ALA A 382 -33.60 -55.56 11.51
N HIS A 383 -34.03 -55.07 12.67
CA HIS A 383 -33.67 -55.65 13.97
C HIS A 383 -32.16 -55.88 14.06
N THR A 384 -31.41 -54.85 13.69
CA THR A 384 -29.96 -54.86 13.67
C THR A 384 -29.46 -53.63 14.42
N GLN A 385 -28.34 -53.78 15.12
CA GLN A 385 -27.73 -52.69 15.86
C GLN A 385 -26.61 -52.09 15.02
N TYR A 386 -26.40 -50.78 15.18
CA TYR A 386 -25.37 -50.14 14.37
C TYR A 386 -24.91 -48.85 15.03
N THR A 387 -23.77 -48.38 14.58
CA THR A 387 -23.17 -47.13 15.03
C THR A 387 -22.90 -46.27 13.81
N PHE A 388 -23.46 -45.06 13.81
CA PHE A 388 -23.30 -44.12 12.70
C PHE A 388 -22.41 -42.98 13.16
N GLU A 389 -21.42 -42.62 12.34
CA GLU A 389 -20.49 -41.55 12.68
C GLU A 389 -20.54 -40.47 11.61
N ILE A 390 -20.87 -39.26 12.03
CA ILE A 390 -21.03 -38.10 11.17
C ILE A 390 -19.84 -37.18 11.44
N GLN A 391 -18.90 -37.14 10.50
CA GLN A 391 -17.73 -36.30 10.64
C GLN A 391 -17.91 -34.99 9.89
N ALA A 392 -17.34 -33.93 10.43
CA ALA A 392 -17.33 -32.61 9.81
C ALA A 392 -15.98 -32.39 9.15
N VAL A 393 -16.01 -31.97 7.89
CA VAL A 393 -14.81 -31.81 7.06
C VAL A 393 -14.98 -30.54 6.25
N ASN A 394 -13.95 -29.70 6.22
CA ASN A 394 -14.00 -28.48 5.43
C ASN A 394 -12.89 -28.48 4.38
N GLY A 395 -12.78 -27.37 3.65
CA GLY A 395 -11.93 -27.28 2.48
C GLY A 395 -10.44 -27.38 2.75
N VAL A 396 -10.02 -27.34 4.01
CA VAL A 396 -8.61 -27.46 4.37
C VAL A 396 -8.34 -28.78 5.10
N THR A 397 -9.30 -29.69 5.11
CA THR A 397 -9.13 -30.95 5.82
C THR A 397 -8.06 -31.82 5.17
N ASP A 398 -7.95 -31.79 3.83
CA ASP A 398 -7.03 -32.66 3.14
C ASP A 398 -5.57 -32.40 3.50
N GLN A 399 -5.27 -31.25 4.10
CA GLN A 399 -3.94 -30.97 4.62
C GLN A 399 -3.75 -31.37 6.07
N SER A 400 -4.80 -31.90 6.73
CA SER A 400 -4.67 -32.16 8.16
C SER A 400 -4.15 -33.57 8.40
N PRO A 401 -3.09 -33.74 9.20
CA PRO A 401 -2.59 -35.08 9.52
C PRO A 401 -3.46 -35.85 10.50
N PHE A 402 -4.58 -35.28 10.94
CA PHE A 402 -5.47 -35.91 11.91
C PHE A 402 -6.76 -36.35 11.25
N SER A 403 -7.42 -37.32 11.87
CA SER A 403 -8.72 -37.75 11.40
C SER A 403 -9.77 -36.68 11.70
N PRO A 404 -10.82 -36.61 10.88
CA PRO A 404 -11.84 -35.57 11.10
C PRO A 404 -12.56 -35.75 12.43
N GLN A 405 -12.97 -34.62 13.00
CA GLN A 405 -13.86 -34.66 14.16
C GLN A 405 -15.23 -35.16 13.75
N PHE A 406 -15.83 -36.00 14.59
CA PHE A 406 -17.08 -36.68 14.25
C PHE A 406 -17.97 -36.81 15.48
N ALA A 407 -19.22 -37.18 15.23
CA ALA A 407 -20.21 -37.45 16.25
C ALA A 407 -20.78 -38.85 16.03
N SER A 408 -21.05 -39.58 17.11
CA SER A 408 -21.44 -40.98 17.04
C SER A 408 -22.82 -41.21 17.63
N VAL A 409 -23.59 -42.09 17.01
CA VAL A 409 -24.88 -42.51 17.52
C VAL A 409 -25.01 -44.02 17.41
N ASN A 410 -25.32 -44.66 18.54
CA ASN A 410 -25.62 -46.09 18.60
C ASN A 410 -27.13 -46.23 18.52
N ILE A 411 -27.63 -46.99 17.55
CA ILE A 411 -29.08 -47.11 17.36
C ILE A 411 -29.41 -48.43 16.67
N THR A 412 -30.62 -48.93 16.96
CA THR A 412 -31.08 -50.25 16.54
C THR A 412 -32.33 -50.11 15.67
N THR A 413 -32.42 -50.93 14.63
CA THR A 413 -33.52 -50.83 13.67
C THR A 413 -34.82 -51.31 14.31
N ASN A 414 -35.95 -50.76 13.81
CA ASN A 414 -37.28 -51.17 14.24
C ASN A 414 -37.46 -51.06 15.75
N GLN A 415 -36.91 -50.00 16.32
CA GLN A 415 -37.09 -49.72 17.73
C GLN A 415 -38.26 -48.76 17.92
N ALA A 416 -39.01 -48.97 18.99
CA ALA A 416 -40.26 -48.25 19.20
C ALA A 416 -40.02 -46.89 19.84
N ALA A 417 -40.82 -45.91 19.42
CA ALA A 417 -40.80 -44.60 20.05
C ALA A 417 -41.41 -44.70 21.45
N PRO A 418 -41.02 -43.81 22.37
CA PRO A 418 -41.64 -43.80 23.69
C PRO A 418 -43.13 -43.54 23.59
N SER A 419 -43.88 -44.14 24.53
CA SER A 419 -45.30 -43.87 24.60
C SER A 419 -45.56 -42.41 24.94
N ALA A 420 -46.75 -41.93 24.59
CA ALA A 420 -47.13 -40.57 24.93
C ALA A 420 -47.10 -40.38 26.44
N VAL A 421 -46.74 -39.16 26.86
CA VAL A 421 -46.59 -38.86 28.27
C VAL A 421 -47.97 -38.64 28.89
N SER A 422 -48.19 -39.23 30.07
CA SER A 422 -49.50 -39.31 30.68
C SER A 422 -50.12 -37.95 31.01
N ILE A 423 -49.51 -37.21 31.93
CA ILE A 423 -50.13 -36.01 32.49
C ILE A 423 -49.06 -35.14 33.12
N MET A 424 -49.36 -33.86 33.29
CA MET A 424 -48.45 -32.90 33.89
C MET A 424 -49.20 -32.01 34.87
N HIS A 425 -48.50 -31.57 35.91
CA HIS A 425 -49.06 -30.72 36.94
C HIS A 425 -48.18 -29.49 37.13
N GLN A 426 -48.82 -28.39 37.55
CA GLN A 426 -48.11 -27.13 37.74
C GLN A 426 -47.45 -27.12 39.12
N VAL A 427 -46.12 -27.08 39.13
CA VAL A 427 -45.38 -27.05 40.39
C VAL A 427 -45.47 -25.68 41.04
N SER A 428 -45.01 -24.64 40.35
CA SER A 428 -45.05 -23.28 40.85
C SER A 428 -45.33 -22.33 39.69
N ARG A 429 -45.50 -21.05 40.02
CA ARG A 429 -45.78 -20.06 38.99
C ARG A 429 -45.47 -18.68 39.53
N THR A 430 -45.29 -17.75 38.60
CA THR A 430 -45.08 -16.33 38.92
C THR A 430 -45.94 -15.52 37.96
N VAL A 431 -45.70 -14.21 37.93
CA VAL A 431 -46.41 -13.35 36.98
C VAL A 431 -45.92 -13.61 35.56
N ASP A 432 -44.63 -13.93 35.39
CA ASP A 432 -44.05 -14.10 34.07
C ASP A 432 -43.57 -15.52 33.78
N SER A 433 -43.67 -16.44 34.74
CA SER A 433 -43.19 -17.80 34.53
C SER A 433 -44.24 -18.81 34.99
N ILE A 434 -44.08 -20.05 34.50
CA ILE A 434 -44.83 -21.20 34.96
C ILE A 434 -43.85 -22.36 35.06
N THR A 435 -43.63 -22.87 36.27
CA THR A 435 -42.74 -24.01 36.50
C THR A 435 -43.60 -25.25 36.66
N LEU A 436 -43.34 -26.27 35.85
CA LEU A 436 -44.23 -27.42 35.80
C LEU A 436 -43.44 -28.68 35.49
N SER A 437 -44.04 -29.82 35.83
CA SER A 437 -43.41 -31.13 35.74
C SER A 437 -44.42 -32.14 35.22
N TRP A 438 -43.89 -33.26 34.73
CA TRP A 438 -44.71 -34.31 34.14
C TRP A 438 -44.05 -35.66 34.43
N SER A 439 -44.84 -36.72 34.28
CA SER A 439 -44.41 -38.06 34.62
C SER A 439 -43.67 -38.72 33.46
N GLN A 440 -42.72 -39.58 33.81
CA GLN A 440 -42.02 -40.39 32.83
C GLN A 440 -43.04 -41.22 32.06
N PRO A 441 -42.96 -41.28 30.73
CA PRO A 441 -43.90 -42.12 29.98
C PRO A 441 -43.76 -43.58 30.39
N ASP A 442 -44.90 -44.27 30.46
CA ASP A 442 -44.96 -45.58 31.10
C ASP A 442 -44.13 -46.61 30.34
N GLN A 443 -43.94 -46.42 29.03
CA GLN A 443 -43.21 -47.38 28.20
C GLN A 443 -42.12 -46.64 27.42
N PRO A 444 -40.93 -46.47 28.03
CA PRO A 444 -39.85 -45.77 27.32
C PRO A 444 -39.44 -46.42 26.01
N ASN A 445 -39.35 -47.75 25.97
CA ASN A 445 -38.82 -48.48 24.82
C ASN A 445 -37.42 -47.98 24.47
N GLY A 446 -36.51 -48.14 25.42
CA GLY A 446 -35.16 -47.62 25.33
C GLY A 446 -34.89 -46.60 26.42
N VAL A 447 -33.66 -46.07 26.38
CA VAL A 447 -33.24 -45.04 27.33
C VAL A 447 -33.67 -43.67 26.81
N ILE A 448 -34.35 -42.91 27.67
CA ILE A 448 -34.81 -41.58 27.32
C ILE A 448 -33.71 -40.57 27.61
N LEU A 449 -33.49 -39.66 26.68
CA LEU A 449 -32.40 -38.70 26.76
C LEU A 449 -32.85 -37.30 27.14
N ASP A 450 -33.85 -36.77 26.42
CA ASP A 450 -34.35 -35.42 26.66
C ASP A 450 -35.83 -35.38 26.29
N TYR A 451 -36.47 -34.27 26.65
CA TYR A 451 -37.87 -34.03 26.37
C TYR A 451 -38.01 -32.75 25.54
N GLU A 452 -39.18 -32.58 24.93
CA GLU A 452 -39.49 -31.35 24.20
C GLU A 452 -40.86 -30.84 24.65
N LEU A 453 -40.94 -29.53 24.90
CA LEU A 453 -42.16 -28.89 25.35
C LEU A 453 -42.54 -27.77 24.38
N GLN A 454 -43.81 -27.74 23.99
CA GLN A 454 -44.30 -26.73 23.05
C GLN A 454 -45.44 -25.95 23.70
N TYR A 455 -45.33 -24.63 23.71
CA TYR A 455 -46.31 -23.77 24.36
C TYR A 455 -46.78 -22.67 23.43
N TYR A 456 -48.05 -22.26 23.61
CA TYR A 456 -48.61 -21.15 22.87
C TYR A 456 -49.74 -20.53 23.68
N GLU A 457 -50.02 -19.26 23.41
CA GLU A 457 -51.10 -18.55 24.09
C GLU A 457 -52.44 -19.15 23.71
N LYS A 458 -53.33 -19.29 24.69
CA LYS A 458 -54.66 -19.83 24.43
C LYS A 458 -55.42 -18.97 23.43
N GLU A 459 -55.32 -17.64 23.57
CA GLU A 459 -55.97 -16.74 22.63
C GLU A 459 -55.42 -16.90 21.22
N LEU A 460 -54.14 -17.24 21.10
CA LEU A 460 -53.49 -17.46 19.81
C LEU A 460 -53.60 -18.94 19.45
N SER A 461 -52.82 -19.38 18.47
CA SER A 461 -52.93 -20.75 17.95
C SER A 461 -51.56 -21.43 17.99
N GLU A 462 -51.55 -22.71 17.62
CA GLU A 462 -50.30 -23.46 17.49
C GLU A 462 -49.38 -22.80 16.49
N TYR A 463 -49.93 -22.03 15.55
CA TYR A 463 -49.14 -21.29 14.59
C TYR A 463 -48.18 -20.34 15.27
N ASN A 464 -48.59 -19.75 16.39
CA ASN A 464 -47.80 -18.79 17.14
C ASN A 464 -47.00 -19.45 18.25
N ALA A 465 -46.81 -20.76 18.20
CA ALA A 465 -46.22 -21.50 19.31
C ALA A 465 -44.71 -21.36 19.32
N THR A 466 -44.12 -21.84 20.42
CA THR A 466 -42.68 -21.96 20.59
C THR A 466 -42.39 -23.33 21.17
N ALA A 467 -41.18 -23.84 20.91
CA ALA A 467 -40.79 -25.17 21.38
C ALA A 467 -39.40 -25.13 21.98
N ILE A 468 -39.22 -25.81 23.11
CA ILE A 468 -37.97 -25.80 23.85
C ILE A 468 -37.62 -27.23 24.26
N LYS A 469 -36.36 -27.41 24.65
CA LYS A 469 -35.80 -28.71 25.00
C LYS A 469 -35.53 -28.77 26.50
N SER A 470 -36.00 -29.82 27.15
CA SER A 470 -35.87 -29.99 28.59
C SER A 470 -35.04 -31.23 28.90
N PRO A 471 -33.89 -31.09 29.55
CA PRO A 471 -33.10 -32.29 29.89
C PRO A 471 -33.82 -33.22 30.85
N THR A 472 -34.64 -32.70 31.75
CA THR A 472 -35.36 -33.48 32.74
C THR A 472 -36.86 -33.41 32.46
N ASN A 473 -37.64 -34.03 33.34
CA ASN A 473 -39.09 -34.04 33.20
C ASN A 473 -39.77 -32.88 33.92
N THR A 474 -39.00 -31.95 34.46
CA THR A 474 -39.53 -30.72 35.04
C THR A 474 -38.76 -29.54 34.46
N VAL A 475 -39.46 -28.41 34.28
CA VAL A 475 -38.83 -27.23 33.69
C VAL A 475 -39.66 -26.00 34.01
N THR A 476 -39.01 -24.84 34.03
CA THR A 476 -39.66 -23.55 34.13
C THR A 476 -39.75 -22.92 32.75
N VAL A 477 -40.87 -22.26 32.47
CA VAL A 477 -41.03 -21.50 31.24
C VAL A 477 -41.20 -20.04 31.64
N GLN A 478 -40.37 -19.16 31.08
CA GLN A 478 -40.39 -17.75 31.43
C GLN A 478 -40.87 -16.91 30.24
N GLY A 479 -40.91 -15.60 30.46
CA GLY A 479 -41.29 -14.66 29.43
C GLY A 479 -42.77 -14.53 29.19
N LEU A 480 -43.62 -15.13 30.01
CA LEU A 480 -45.03 -15.17 29.71
C LEU A 480 -45.71 -13.86 30.14
N LYS A 481 -46.91 -13.64 29.62
CA LYS A 481 -47.69 -12.47 29.96
C LYS A 481 -48.33 -12.64 31.34
N ALA A 482 -48.85 -11.53 31.87
CA ALA A 482 -49.44 -11.52 33.20
C ALA A 482 -50.84 -12.11 33.14
N GLY A 483 -51.08 -13.14 33.95
CA GLY A 483 -52.40 -13.74 34.06
C GLY A 483 -52.94 -14.31 32.78
N ALA A 484 -52.10 -15.01 32.02
CA ALA A 484 -52.48 -15.54 30.72
C ALA A 484 -52.52 -17.06 30.75
N ILE A 485 -53.40 -17.64 29.95
CA ILE A 485 -53.57 -19.08 29.86
C ILE A 485 -52.74 -19.60 28.71
N TYR A 486 -51.85 -20.55 28.99
CA TYR A 486 -50.96 -21.13 28.01
C TYR A 486 -51.22 -22.62 27.87
N VAL A 487 -51.11 -23.09 26.63
CA VAL A 487 -51.35 -24.48 26.27
C VAL A 487 -50.01 -25.18 26.10
N PHE A 488 -49.86 -26.34 26.75
CA PHE A 488 -48.60 -27.06 26.80
C PHE A 488 -48.79 -28.47 26.28
N GLN A 489 -47.85 -28.91 25.46
CA GLN A 489 -47.73 -30.29 25.00
C GLN A 489 -46.29 -30.72 25.16
N VAL A 490 -46.06 -31.98 25.50
CA VAL A 490 -44.72 -32.49 25.78
C VAL A 490 -44.48 -33.74 24.97
N ARG A 491 -43.21 -33.99 24.65
CA ARG A 491 -42.78 -35.10 23.82
C ARG A 491 -41.48 -35.64 24.36
N ALA A 492 -41.33 -36.96 24.36
CA ALA A 492 -40.13 -37.61 24.85
C ALA A 492 -39.22 -38.00 23.69
N ARG A 493 -37.93 -38.15 23.99
CA ARG A 493 -36.94 -38.46 22.96
C ARG A 493 -36.02 -39.55 23.45
N THR A 494 -36.02 -40.68 22.73
CA THR A 494 -35.08 -41.78 22.89
C THR A 494 -34.27 -41.85 21.59
N VAL A 495 -33.17 -42.60 21.62
CA VAL A 495 -32.37 -42.80 20.41
C VAL A 495 -33.26 -43.18 19.23
N ALA A 496 -34.32 -43.96 19.50
CA ALA A 496 -35.25 -44.33 18.44
C ALA A 496 -35.94 -43.11 17.84
N GLY A 497 -36.32 -42.15 18.66
CA GLY A 497 -36.89 -40.92 18.17
C GLY A 497 -37.83 -40.30 19.19
N TYR A 498 -38.71 -39.44 18.69
CA TYR A 498 -39.68 -38.74 19.50
C TYR A 498 -40.98 -39.53 19.61
N GLY A 499 -41.68 -39.33 20.72
CA GLY A 499 -43.01 -39.87 20.89
C GLY A 499 -44.04 -38.95 20.27
N ARG A 500 -45.29 -39.15 20.68
CA ARG A 500 -46.39 -38.31 20.25
C ARG A 500 -46.67 -37.25 21.33
N TYR A 501 -46.95 -36.03 20.89
CA TYR A 501 -47.20 -34.95 21.83
C TYR A 501 -48.40 -35.28 22.71
N SER A 502 -48.25 -35.02 24.01
CA SER A 502 -49.31 -35.31 24.97
C SER A 502 -50.51 -34.40 24.72
N GLY A 503 -51.61 -34.73 25.40
CA GLY A 503 -52.81 -33.93 25.25
C GLY A 503 -52.58 -32.50 25.72
N LYS A 504 -53.21 -31.55 25.03
CA LYS A 504 -53.09 -30.14 25.36
C LYS A 504 -53.49 -29.91 26.81
N MET A 505 -52.54 -29.45 27.63
CA MET A 505 -52.83 -29.11 29.01
C MET A 505 -52.77 -27.59 29.19
N TYR A 506 -53.61 -27.06 30.07
CA TYR A 506 -53.88 -25.63 30.13
C TYR A 506 -53.47 -25.11 31.50
N PHE A 507 -52.42 -24.30 31.56
CA PHE A 507 -51.99 -23.67 32.81
C PHE A 507 -52.06 -22.15 32.67
N GLN A 508 -51.92 -21.46 33.81
CA GLN A 508 -52.10 -20.01 33.80
C GLN A 508 -51.14 -19.34 34.77
N THR A 509 -50.61 -18.19 34.37
CA THR A 509 -49.73 -17.39 35.20
C THR A 509 -50.54 -16.65 36.27
N MET A 510 -49.83 -16.16 37.29
CA MET A 510 -50.44 -15.24 38.23
C MET A 510 -50.81 -13.94 37.55
N THR A 511 -51.95 -13.38 37.92
CA THR A 511 -52.23 -11.99 37.58
C THR A 511 -51.29 -11.08 38.35
N GLU A 512 -51.32 -9.79 38.00
CA GLU A 512 -50.45 -8.84 38.69
C GLU A 512 -50.79 -8.74 40.18
N ALA A 513 -52.08 -8.72 40.51
CA ALA A 513 -52.50 -8.62 41.90
C ALA A 513 -52.11 -9.87 42.70
N GLU A 514 -52.26 -11.05 42.11
CA GLU A 514 -51.88 -12.28 42.79
C GLU A 514 -50.40 -12.28 43.10
N TYR A 515 -49.58 -11.83 42.14
CA TYR A 515 -48.14 -11.73 42.37
C TYR A 515 -47.83 -10.70 43.45
N GLN A 516 -48.58 -9.60 43.48
CA GLN A 516 -48.43 -8.63 44.57
C GLN A 516 -48.65 -9.31 45.91
N THR A 517 -49.71 -10.09 46.04
CA THR A 517 -49.98 -10.77 47.30
C THR A 517 -48.86 -11.72 47.68
N SER A 518 -48.36 -12.48 46.69
CA SER A 518 -47.28 -13.42 46.95
C SER A 518 -46.03 -12.70 47.47
N ILE A 519 -45.58 -11.68 46.76
CA ILE A 519 -44.37 -10.97 47.17
C ILE A 519 -44.60 -10.24 48.48
N LYS A 520 -45.81 -9.72 48.71
CA LYS A 520 -46.11 -9.04 49.96
C LYS A 520 -45.97 -9.98 51.14
N GLU A 521 -46.43 -11.21 51.00
CA GLU A 521 -46.18 -12.21 52.05
C GLU A 521 -44.69 -12.51 52.17
N LYS A 522 -43.98 -12.61 51.04
CA LYS A 522 -42.58 -12.97 51.07
C LYS A 522 -41.69 -11.94 51.77
N LEU A 523 -42.20 -10.73 52.03
CA LEU A 523 -41.37 -9.67 52.57
C LEU A 523 -40.71 -10.10 53.88
N PRO A 524 -39.43 -9.75 54.08
CA PRO A 524 -38.65 -9.01 53.09
C PRO A 524 -37.74 -9.89 52.24
N LEU A 525 -36.99 -9.27 51.33
CA LEU A 525 -36.18 -9.97 50.33
C LEU A 525 -35.26 -11.05 50.92
C1 NAG B . -22.16 -48.96 20.53
C2 NAG B . -21.70 -48.89 21.98
C3 NAG B . -20.24 -49.26 22.08
C4 NAG B . -19.99 -50.62 21.44
C5 NAG B . -20.58 -50.68 20.03
C6 NAG B . -20.52 -52.06 19.42
C7 NAG B . -22.95 -47.32 23.40
C8 NAG B . -23.06 -45.92 23.89
N2 NAG B . -21.95 -47.57 22.55
O3 NAG B . -19.86 -49.27 23.46
O4 NAG B . -18.59 -50.89 21.37
O5 NAG B . -21.96 -50.29 20.03
O6 NAG B . -19.25 -52.31 18.82
O7 NAG B . -23.74 -48.21 23.75
C1 NAG B . -18.10 -51.57 22.54
C2 NAG B . -16.71 -52.18 22.29
C3 NAG B . -16.19 -52.84 23.56
C4 NAG B . -16.17 -51.83 24.70
C5 NAG B . -17.56 -51.23 24.90
C6 NAG B . -17.61 -50.14 25.94
C7 NAG B . -17.55 -54.10 20.95
C8 NAG B . -17.28 -54.93 19.72
N2 NAG B . -16.67 -53.10 21.17
O3 NAG B . -14.89 -53.37 23.33
O4 NAG B . -15.74 -52.46 25.91
O5 NAG B . -18.02 -50.65 23.67
O6 NAG B . -16.85 -50.45 27.10
O7 NAG B . -18.49 -54.32 21.69
C1 NAG C . -49.74 -15.10 15.26
C2 NAG C . -49.24 -13.68 15.00
C3 NAG C . -50.17 -12.97 14.02
C4 NAG C . -50.40 -13.80 12.77
C5 NAG C . -50.73 -15.25 13.10
C6 NAG C . -50.71 -16.15 11.88
C7 NAG C . -48.00 -12.90 16.97
C8 NAG C . -48.07 -12.08 18.23
N2 NAG C . -49.12 -12.94 16.25
O3 NAG C . -49.62 -11.71 13.67
O4 NAG C . -51.50 -13.26 12.05
O5 NAG C . -49.79 -15.80 14.03
O6 NAG C . -49.38 -16.45 11.48
O7 NAG C . -46.98 -13.50 16.64
C1 NAG C . -51.09 -12.63 10.83
C2 NAG C . -52.32 -12.56 9.93
C3 NAG C . -51.99 -11.85 8.63
C4 NAG C . -51.37 -10.49 8.91
C5 NAG C . -50.19 -10.63 9.87
C6 NAG C . -49.61 -9.29 10.31
C7 NAG C . -53.92 -14.40 10.29
C8 NAG C . -54.31 -15.79 9.89
N2 NAG C . -52.84 -13.90 9.66
O3 NAG C . -53.17 -11.70 7.86
O4 NAG C . -50.94 -9.89 7.69
O5 NAG C . -50.59 -11.30 11.06
O6 NAG C . -48.68 -9.45 11.37
O7 NAG C . -54.53 -13.76 11.14
C1 BMA C . -51.64 -8.65 7.51
C2 BMA C . -50.65 -7.63 6.90
C3 BMA C . -51.36 -6.30 6.67
C4 BMA C . -52.66 -6.49 5.87
C5 BMA C . -53.55 -7.59 6.52
C6 BMA C . -54.79 -7.90 5.70
O2 BMA C . -50.21 -8.09 5.63
O3 BMA C . -50.51 -5.36 6.00
O4 BMA C . -53.39 -5.27 5.83
O5 BMA C . -52.78 -8.80 6.65
O6 BMA C . -55.64 -8.73 6.47
C1 NAG D . -42.88 -44.57 7.46
C2 NAG D . -43.97 -43.53 7.77
C3 NAG D . -45.30 -43.96 7.16
C4 NAG D . -45.13 -44.21 5.66
C5 NAG D . -44.00 -45.21 5.42
C6 NAG D . -43.71 -45.40 3.94
C7 NAG D . -44.40 -44.24 10.10
C8 NAG D . -44.48 -43.77 11.52
N2 NAG D . -44.09 -43.30 9.20
O3 NAG D . -46.27 -42.95 7.39
O4 NAG D . -46.34 -44.72 5.12
O5 NAG D . -42.78 -44.75 6.03
O6 NAG D . -42.73 -46.42 3.74
O7 NAG D . -44.61 -45.41 9.79
C1 NAG E . 8.94 14.32 0.13
C2 NAG E . 10.08 15.11 0.79
C3 NAG E . 9.51 16.07 1.84
C4 NAG E . 8.42 16.94 1.22
C5 NAG E . 7.36 16.07 0.55
C6 NAG E . 6.30 16.88 -0.17
C7 NAG E . 12.23 13.92 0.80
C8 NAG E . 13.12 12.99 1.56
N2 NAG E . 11.06 14.22 1.39
O3 NAG E . 10.58 16.89 2.32
O4 NAG E . 7.81 17.75 2.23
O5 NAG E . 7.97 15.22 -0.43
O6 NAG E . 5.65 17.80 0.69
O7 NAG E . 12.55 14.39 -0.28
#